data_7RKA
#
_entry.id   7RKA
#
_cell.length_a   58.452
_cell.length_b   46.440
_cell.length_c   87.192
_cell.angle_alpha   90.000
_cell.angle_beta   91.350
_cell.angle_gamma   90.000
#
_symmetry.space_group_name_H-M   'P 1 2 1'
#
loop_
_entity.id
_entity.type
_entity.pdbx_description
1 polymer 'glutathione S-transferase u1'
2 non-polymer GLUTATHIONE
3 water water
#
_entity_poly.entity_id   1
_entity_poly.type   'polypeptide(L)'
_entity_poly.pdbx_seq_one_letter_code
;MPITLYSVSDGPPSLAVRQALEYLGLEHKLVNVDFGIGEHMTEEFAQKNPQKEIPVLDDNGFLLGESNAILQYLAERYGK
DDTIYPKDPMARAVVNHRLCFNLSTYYRYISEYTLAPMFFDYQRTPLGLKKTHIALDNFNTYLKLLGKKYAAGETVTIAD
FQLVTATMCLEAINFDISPWPLVENWYDTYKLEHPTLWKIVEGGMKELEAFEKNPPDLSHMDHPIHPVRK
;
_entity_poly.pdbx_strand_id   A,B
#
loop_
_chem_comp.id
_chem_comp.type
_chem_comp.name
_chem_comp.formula
GSH non-polymer GLUTATHIONE 'C10 H17 N3 O6 S'
#
# COMPACT_ATOMS: atom_id res chain seq x y z
N PRO A 2 -22.73 37.86 -2.91
CA PRO A 2 -22.90 36.47 -2.47
C PRO A 2 -22.11 35.47 -3.32
N ILE A 3 -22.06 34.22 -2.87
CA ILE A 3 -21.43 33.13 -3.60
C ILE A 3 -22.52 32.19 -4.11
N THR A 4 -22.41 31.80 -5.37
CA THR A 4 -23.31 30.82 -5.96
C THR A 4 -22.45 29.70 -6.55
N LEU A 5 -22.84 28.47 -6.29
CA LEU A 5 -22.22 27.32 -6.91
C LEU A 5 -23.22 26.67 -7.85
N TYR A 6 -22.85 26.60 -9.13
CA TYR A 6 -23.58 25.83 -10.12
C TYR A 6 -23.00 24.43 -10.14
N SER A 7 -23.84 23.43 -9.91
CA SER A 7 -23.35 22.10 -9.61
C SER A 7 -24.26 21.02 -10.19
N VAL A 8 -23.71 19.80 -10.23
CA VAL A 8 -24.47 18.58 -10.54
C VAL A 8 -24.61 17.81 -9.23
N SER A 9 -25.85 17.46 -8.88
CA SER A 9 -26.12 16.91 -7.55
C SER A 9 -25.29 15.67 -7.24
N ASP A 10 -25.01 14.85 -8.25
CA ASP A 10 -24.22 13.65 -8.04
C ASP A 10 -22.89 13.69 -8.80
N GLY A 11 -22.38 14.88 -9.10
CA GLY A 11 -21.15 14.99 -9.84
C GLY A 11 -19.96 15.09 -8.91
N PRO A 12 -19.00 14.19 -9.03
CA PRO A 12 -17.87 14.19 -8.07
C PRO A 12 -17.13 15.52 -8.02
N PRO A 13 -16.88 16.21 -9.14
CA PRO A 13 -16.21 17.52 -9.03
C PRO A 13 -17.02 18.53 -8.23
N SER A 14 -18.33 18.61 -8.48
CA SER A 14 -19.20 19.46 -7.68
C SER A 14 -19.16 19.07 -6.21
N LEU A 15 -19.18 17.77 -5.90
CA LEU A 15 -19.18 17.36 -4.50
C LEU A 15 -17.87 17.69 -3.80
N ALA A 16 -16.76 17.71 -4.55
CA ALA A 16 -15.49 18.16 -3.98
C ALA A 16 -15.57 19.61 -3.54
N VAL A 17 -16.10 20.48 -4.42
CA VAL A 17 -16.20 21.90 -4.10
C VAL A 17 -17.13 22.11 -2.90
N ARG A 18 -18.24 21.38 -2.86
CA ARG A 18 -19.20 21.56 -1.78
C ARG A 18 -18.59 21.20 -0.41
N GLN A 19 -17.73 20.18 -0.36
CA GLN A 19 -17.06 19.85 0.89
C GLN A 19 -16.19 21.00 1.36
N ALA A 20 -15.51 21.67 0.42
CA ALA A 20 -14.69 22.82 0.77
C ALA A 20 -15.55 23.97 1.30
N LEU A 21 -16.68 24.25 0.64
CA LEU A 21 -17.57 25.31 1.13
C LEU A 21 -18.06 25.00 2.55
N GLU A 22 -18.39 23.74 2.82
CA GLU A 22 -18.81 23.35 4.16
C GLU A 22 -17.66 23.49 5.15
N TYR A 23 -16.49 22.97 4.80
CA TYR A 23 -15.35 23.02 5.72
C TYR A 23 -15.00 24.47 6.06
N LEU A 24 -15.10 25.37 5.09
CA LEU A 24 -14.73 26.76 5.31
C LEU A 24 -15.87 27.59 5.90
N GLY A 25 -17.06 27.01 6.06
CA GLY A 25 -18.18 27.76 6.62
C GLY A 25 -18.69 28.89 5.77
N LEU A 26 -18.67 28.72 4.45
CA LEU A 26 -19.03 29.77 3.51
C LEU A 26 -20.48 29.63 3.09
N GLU A 27 -21.29 30.62 3.45
CA GLU A 27 -22.67 30.68 2.99
C GLU A 27 -22.69 30.81 1.47
N HIS A 28 -23.64 30.12 0.85
CA HIS A 28 -23.70 30.15 -0.60
C HIS A 28 -25.06 29.66 -1.07
N LYS A 29 -25.41 30.06 -2.29
CA LYS A 29 -26.56 29.53 -3.01
C LYS A 29 -26.09 28.35 -3.84
N LEU A 30 -26.80 27.24 -3.75
CA LEU A 30 -26.51 26.04 -4.53
C LEU A 30 -27.54 25.87 -5.65
N VAL A 31 -27.07 25.82 -6.87
CA VAL A 31 -27.92 25.58 -8.04
C VAL A 31 -27.55 24.23 -8.63
N ASN A 32 -28.38 23.23 -8.38
CA ASN A 32 -28.21 21.91 -9.00
C ASN A 32 -28.80 21.94 -10.39
N VAL A 33 -27.95 21.94 -11.41
CA VAL A 33 -28.42 22.12 -12.79
C VAL A 33 -29.09 20.89 -13.35
N ASP A 34 -29.03 19.76 -12.63
CA ASP A 34 -29.75 18.56 -13.04
C ASP A 34 -31.10 18.44 -12.34
N PHE A 35 -31.43 19.38 -11.44
CA PHE A 35 -32.69 19.37 -10.71
C PHE A 35 -33.67 20.32 -11.39
N GLY A 36 -34.80 19.79 -11.83
CA GLY A 36 -35.90 20.60 -12.31
C GLY A 36 -35.51 21.74 -13.21
N ILE A 37 -35.75 22.98 -12.75
CA ILE A 37 -35.49 24.15 -13.57
C ILE A 37 -34.03 24.59 -13.53
N GLY A 38 -33.19 23.92 -12.73
CA GLY A 38 -31.78 24.25 -12.73
C GLY A 38 -31.15 24.18 -14.11
N GLU A 39 -31.68 23.33 -14.98
CA GLU A 39 -31.14 23.23 -16.34
C GLU A 39 -30.99 24.60 -16.98
N HIS A 40 -31.99 25.46 -16.81
CA HIS A 40 -31.99 26.77 -17.47
C HIS A 40 -31.34 27.87 -16.65
N MET A 41 -31.03 27.62 -15.37
CA MET A 41 -30.50 28.66 -14.50
C MET A 41 -29.04 29.01 -14.78
N THR A 42 -28.40 28.34 -15.73
CA THR A 42 -27.09 28.73 -16.20
C THR A 42 -27.14 29.53 -17.49
N GLU A 43 -28.33 29.74 -18.06
CA GLU A 43 -28.45 30.45 -19.32
C GLU A 43 -27.88 31.86 -19.22
N GLU A 44 -27.91 32.45 -18.03
CA GLU A 44 -27.39 33.79 -17.80
C GLU A 44 -25.88 33.91 -17.97
N PHE A 45 -25.18 32.81 -18.27
CA PHE A 45 -23.73 32.88 -18.49
C PHE A 45 -23.21 31.66 -19.26
N ALA A 46 -23.93 31.25 -20.31
CA ALA A 46 -23.49 30.11 -21.12
C ALA A 46 -22.46 30.52 -22.17
N GLN A 47 -22.56 31.73 -22.75
CA GLN A 47 -21.51 32.24 -23.63
C GLN A 47 -20.19 32.40 -22.89
N LYS A 48 -20.23 32.41 -21.55
CA LYS A 48 -19.08 32.69 -20.70
C LYS A 48 -18.36 31.41 -20.30
N ASN A 49 -19.03 30.27 -20.39
CA ASN A 49 -18.44 28.95 -20.16
C ASN A 49 -18.50 28.15 -21.44
N PRO A 50 -17.52 28.31 -22.34
CA PRO A 50 -17.57 27.56 -23.61
C PRO A 50 -17.60 26.06 -23.42
N GLN A 51 -16.92 25.53 -22.41
CA GLN A 51 -16.87 24.09 -22.21
C GLN A 51 -18.20 23.51 -21.74
N LYS A 52 -19.25 24.32 -21.62
CA LYS A 52 -20.46 23.91 -20.89
C LYS A 52 -20.03 23.46 -19.49
N GLU A 53 -19.38 24.39 -18.80
CA GLU A 53 -18.49 24.07 -17.69
C GLU A 53 -19.30 23.99 -16.40
N ILE A 54 -19.32 22.81 -15.79
CA ILE A 54 -19.89 22.59 -14.46
C ILE A 54 -18.96 21.69 -13.66
N PRO A 55 -18.68 21.99 -12.37
CA PRO A 55 -19.18 23.12 -11.60
C PRO A 55 -18.60 24.46 -12.06
N VAL A 56 -19.33 25.53 -11.76
CA VAL A 56 -18.84 26.89 -11.90
C VAL A 56 -19.15 27.63 -10.62
N LEU A 57 -18.16 28.33 -10.08
CA LEU A 57 -18.32 29.16 -8.91
C LEU A 57 -18.52 30.61 -9.35
N ASP A 58 -19.54 31.26 -8.78
CA ASP A 58 -19.76 32.70 -8.97
C ASP A 58 -19.50 33.38 -7.62
N ASP A 59 -18.30 33.95 -7.46
CA ASP A 59 -17.95 34.68 -6.25
C ASP A 59 -18.13 36.17 -6.52
N ASN A 60 -19.31 36.69 -6.19
CA ASN A 60 -19.57 38.13 -6.28
C ASN A 60 -19.23 38.68 -7.65
N GLY A 61 -19.60 37.93 -8.68
CA GLY A 61 -19.37 38.31 -10.05
C GLY A 61 -18.15 37.69 -10.71
N PHE A 62 -17.23 37.12 -9.93
CA PHE A 62 -16.05 36.44 -10.45
C PHE A 62 -16.46 34.99 -10.74
N LEU A 63 -16.47 34.62 -12.02
CA LEU A 63 -16.89 33.28 -12.44
C LEU A 63 -15.67 32.38 -12.66
N LEU A 64 -15.62 31.24 -11.98
CA LEU A 64 -14.46 30.35 -12.05
C LEU A 64 -14.90 28.91 -12.22
N GLY A 65 -14.45 28.26 -13.30
CA GLY A 65 -14.64 26.85 -13.51
C GLY A 65 -13.42 26.04 -13.13
N GLU A 66 -13.49 24.72 -13.42
CA GLU A 66 -12.50 23.70 -13.09
C GLU A 66 -12.42 23.50 -11.59
N SER A 67 -12.96 22.38 -11.12
CA SER A 67 -13.05 22.13 -9.69
C SER A 67 -11.71 22.26 -8.97
N ASN A 68 -10.60 21.79 -9.57
CA ASN A 68 -9.30 21.96 -8.90
C ASN A 68 -9.01 23.45 -8.64
N ALA A 69 -9.21 24.29 -9.67
CA ALA A 69 -8.93 25.72 -9.55
C ALA A 69 -9.90 26.38 -8.58
N ILE A 70 -11.17 25.96 -8.58
CA ILE A 70 -12.12 26.46 -7.58
C ILE A 70 -11.62 26.16 -6.18
N LEU A 71 -11.16 24.93 -5.94
CA LEU A 71 -10.69 24.57 -4.59
C LEU A 71 -9.44 25.35 -4.19
N GLN A 72 -8.50 25.50 -5.12
CA GLN A 72 -7.30 26.27 -4.85
C GLN A 72 -7.63 27.72 -4.53
N TYR A 73 -8.62 28.29 -5.21
CA TYR A 73 -9.05 29.67 -4.98
C TYR A 73 -9.75 29.81 -3.63
N LEU A 74 -10.73 28.93 -3.36
CA LEU A 74 -11.47 29.04 -2.10
C LEU A 74 -10.54 28.92 -0.91
N ALA A 75 -9.62 27.95 -0.96
CA ALA A 75 -8.73 27.73 0.19
C ALA A 75 -7.72 28.85 0.36
N GLU A 76 -7.25 29.47 -0.72
CA GLU A 76 -6.32 30.59 -0.53
C GLU A 76 -7.04 31.86 -0.07
N ARG A 77 -8.24 32.11 -0.59
CA ARG A 77 -8.96 33.37 -0.34
C ARG A 77 -9.70 33.37 0.98
N TYR A 78 -10.15 32.21 1.47
CA TYR A 78 -10.98 32.14 2.67
C TYR A 78 -10.39 31.21 3.72
N GLY A 79 -10.86 31.35 4.94
CA GLY A 79 -10.34 30.46 5.97
C GLY A 79 -9.26 31.12 6.83
N LYS A 80 -9.24 30.75 8.11
CA LYS A 80 -8.41 31.40 9.09
C LYS A 80 -6.98 30.87 9.11
N ASP A 81 -6.73 29.68 8.59
CA ASP A 81 -5.39 29.13 8.53
C ASP A 81 -5.22 28.41 7.20
N ASP A 82 -3.97 27.98 6.93
CA ASP A 82 -3.64 27.41 5.64
C ASP A 82 -3.58 25.89 5.65
N THR A 83 -4.15 25.22 6.66
CA THR A 83 -3.92 23.78 6.78
C THR A 83 -4.50 22.98 5.60
N ILE A 84 -5.61 23.41 5.00
CA ILE A 84 -6.13 22.61 3.88
C ILE A 84 -5.48 22.95 2.55
N TYR A 85 -4.63 23.98 2.50
CA TYR A 85 -3.85 24.32 1.31
C TYR A 85 -2.63 25.12 1.74
N PRO A 86 -1.62 24.43 2.26
CA PRO A 86 -0.49 25.14 2.90
C PRO A 86 0.22 26.09 1.97
N LYS A 87 0.72 27.20 2.55
CA LYS A 87 1.43 28.20 1.77
C LYS A 87 2.87 27.83 1.48
N ASP A 88 3.49 27.05 2.34
CA ASP A 88 4.87 26.64 2.11
C ASP A 88 4.97 25.99 0.74
N PRO A 89 5.91 26.41 -0.12
CA PRO A 89 5.94 25.89 -1.50
C PRO A 89 6.06 24.38 -1.57
N MET A 90 6.89 23.74 -0.75
CA MET A 90 7.05 22.29 -0.83
C MET A 90 5.80 21.56 -0.32
N ALA A 91 5.26 22.00 0.81
CA ALA A 91 4.00 21.40 1.28
C ALA A 91 2.89 21.62 0.28
N ARG A 92 2.81 22.82 -0.29
CA ARG A 92 1.78 23.09 -1.29
C ARG A 92 1.96 22.21 -2.53
N ALA A 93 3.22 21.95 -2.93
CA ALA A 93 3.47 21.16 -4.12
C ALA A 93 2.91 19.74 -3.98
N VAL A 94 2.96 19.17 -2.78
CA VAL A 94 2.37 17.83 -2.60
C VAL A 94 0.85 17.89 -2.81
N VAL A 95 0.19 18.94 -2.28
CA VAL A 95 -1.25 19.08 -2.54
C VAL A 95 -1.51 19.23 -4.03
N ASN A 96 -0.74 20.11 -4.70
CA ASN A 96 -0.95 20.36 -6.12
C ASN A 96 -0.69 19.11 -6.94
N HIS A 97 0.29 18.32 -6.53
CA HIS A 97 0.58 17.08 -7.25
C HIS A 97 -0.61 16.14 -7.16
N ARG A 98 -1.15 15.96 -5.95
CA ARG A 98 -2.30 15.05 -5.80
C ARG A 98 -3.53 15.54 -6.53
N LEU A 99 -3.73 16.86 -6.59
CA LEU A 99 -4.83 17.38 -7.40
C LEU A 99 -4.64 17.06 -8.89
N CYS A 100 -3.41 17.19 -9.39
CA CYS A 100 -3.13 16.82 -10.77
C CYS A 100 -3.33 15.32 -10.99
N PHE A 101 -2.85 14.50 -10.04
CA PHE A 101 -3.02 13.06 -10.13
C PHE A 101 -4.50 12.71 -10.20
N ASN A 102 -5.33 13.38 -9.42
CA ASN A 102 -6.77 13.08 -9.48
C ASN A 102 -7.34 13.40 -10.86
N LEU A 103 -6.99 14.57 -11.38
CA LEU A 103 -7.54 15.03 -12.66
C LEU A 103 -7.06 14.17 -13.82
N SER A 104 -5.77 13.83 -13.83
CA SER A 104 -5.14 13.20 -15.00
C SER A 104 -5.30 11.69 -15.00
N THR A 105 -5.46 11.09 -13.83
CA THR A 105 -5.26 9.66 -13.70
C THR A 105 -6.34 9.01 -12.82
N TYR A 106 -6.41 9.38 -11.55
CA TYR A 106 -7.28 8.67 -10.60
C TYR A 106 -8.75 8.86 -10.95
N TYR A 107 -9.22 10.10 -10.95
CA TYR A 107 -10.61 10.30 -11.33
C TYR A 107 -10.81 10.12 -12.84
N ARG A 108 -9.79 10.41 -13.67
CA ARG A 108 -9.92 10.16 -15.11
C ARG A 108 -10.31 8.69 -15.35
N TYR A 109 -9.52 7.74 -14.82
CA TYR A 109 -9.79 6.34 -15.15
C TYR A 109 -11.00 5.80 -14.37
N ILE A 110 -11.16 6.21 -13.11
CA ILE A 110 -12.32 5.73 -12.35
C ILE A 110 -13.61 6.18 -13.01
N SER A 111 -13.69 7.46 -13.36
CA SER A 111 -14.93 7.99 -13.93
C SER A 111 -15.26 7.33 -15.26
N GLU A 112 -14.23 7.03 -16.06
CA GLU A 112 -14.48 6.40 -17.36
C GLU A 112 -15.00 4.97 -17.19
N TYR A 113 -14.61 4.29 -16.11
CA TYR A 113 -15.06 2.93 -15.87
C TYR A 113 -16.40 2.88 -15.15
N THR A 114 -16.64 3.82 -14.24
CA THR A 114 -17.83 3.74 -13.40
C THR A 114 -18.99 4.54 -13.99
N LEU A 115 -18.79 5.83 -14.21
CA LEU A 115 -19.90 6.74 -14.51
C LEU A 115 -20.22 6.83 -16.01
N ALA A 116 -19.20 6.87 -16.86
CA ALA A 116 -19.47 7.04 -18.29
C ALA A 116 -20.39 5.96 -18.83
N PRO A 117 -20.22 4.69 -18.48
CA PRO A 117 -21.19 3.67 -18.92
C PRO A 117 -22.59 3.88 -18.35
N MET A 118 -22.72 4.52 -17.19
CA MET A 118 -24.04 4.78 -16.62
C MET A 118 -24.84 5.72 -17.51
N PHE A 119 -24.23 6.83 -17.91
CA PHE A 119 -24.94 7.95 -18.54
C PHE A 119 -24.66 8.08 -20.03
N PHE A 120 -24.01 7.11 -20.65
CA PHE A 120 -23.67 7.22 -22.06
C PHE A 120 -23.68 5.83 -22.68
N ASP A 121 -23.46 5.77 -24.00
CA ASP A 121 -23.24 4.53 -24.72
C ASP A 121 -21.81 4.02 -24.62
N TYR A 122 -21.09 4.48 -23.59
CA TYR A 122 -19.74 4.03 -23.26
C TYR A 122 -19.80 2.66 -22.58
N GLN A 123 -18.82 1.80 -22.86
CA GLN A 123 -18.84 0.44 -22.34
C GLN A 123 -17.71 0.20 -21.34
N ARG A 124 -18.04 -0.52 -20.26
CA ARG A 124 -17.03 -1.09 -19.39
C ARG A 124 -16.28 -2.19 -20.12
N THR A 125 -14.95 -2.15 -20.05
CA THR A 125 -14.07 -3.09 -20.70
C THR A 125 -13.00 -3.61 -19.76
N PRO A 126 -12.39 -4.75 -20.07
CA PRO A 126 -11.20 -5.18 -19.31
C PRO A 126 -10.09 -4.14 -19.26
N LEU A 127 -9.86 -3.43 -20.37
CA LEU A 127 -8.84 -2.38 -20.36
C LEU A 127 -9.20 -1.25 -19.41
N GLY A 128 -10.49 -0.85 -19.40
CA GLY A 128 -10.92 0.17 -18.46
C GLY A 128 -10.79 -0.29 -17.03
N LEU A 129 -11.03 -1.59 -16.78
CA LEU A 129 -10.85 -2.14 -15.44
C LEU A 129 -9.38 -2.14 -15.05
N LYS A 130 -8.51 -2.56 -15.98
CA LYS A 130 -7.07 -2.54 -15.70
C LYS A 130 -6.58 -1.14 -15.35
N LYS A 131 -7.03 -0.13 -16.10
CA LYS A 131 -6.62 1.24 -15.81
C LYS A 131 -7.11 1.71 -14.45
N THR A 132 -8.34 1.32 -14.08
CA THR A 132 -8.79 1.57 -12.70
C THR A 132 -7.83 0.93 -11.68
N HIS A 133 -7.42 -0.31 -11.91
CA HIS A 133 -6.50 -0.95 -10.97
C HIS A 133 -5.16 -0.22 -10.90
N ILE A 134 -4.65 0.26 -12.04
CA ILE A 134 -3.39 0.99 -12.04
C ILE A 134 -3.53 2.27 -11.22
N ALA A 135 -4.65 2.98 -11.39
CA ALA A 135 -4.89 4.20 -10.63
C ALA A 135 -4.90 3.93 -9.13
N LEU A 136 -5.55 2.84 -8.72
CA LEU A 136 -5.57 2.48 -7.31
C LEU A 136 -4.19 2.02 -6.83
N ASP A 137 -3.47 1.23 -7.63
CA ASP A 137 -2.07 0.94 -7.31
C ASP A 137 -1.28 2.21 -7.04
N ASN A 138 -1.37 3.18 -7.96
CA ASN A 138 -0.63 4.44 -7.83
C ASN A 138 -0.98 5.16 -6.53
N PHE A 139 -2.27 5.23 -6.20
CA PHE A 139 -2.68 5.97 -5.01
C PHE A 139 -2.20 5.24 -3.74
N ASN A 140 -2.31 3.92 -3.72
CA ASN A 140 -1.79 3.15 -2.60
C ASN A 140 -0.30 3.40 -2.42
N THR A 141 0.44 3.43 -3.54
CA THR A 141 1.87 3.71 -3.46
C THR A 141 2.15 5.12 -2.97
N TYR A 142 1.37 6.12 -3.44
CA TYR A 142 1.58 7.48 -2.97
C TYR A 142 1.36 7.62 -1.47
N LEU A 143 0.33 6.93 -0.95
CA LEU A 143 0.07 7.00 0.47
C LEU A 143 1.22 6.39 1.27
N LYS A 144 1.78 5.27 0.78
CA LYS A 144 2.95 4.62 1.37
C LYS A 144 4.20 5.48 1.29
N LEU A 145 4.40 6.15 0.15
CA LEU A 145 5.61 6.95 -0.07
C LEU A 145 5.63 8.17 0.85
N LEU A 146 4.54 8.94 0.87
CA LEU A 146 4.46 10.09 1.76
C LEU A 146 4.42 9.67 3.23
N GLY A 147 3.72 8.58 3.54
CA GLY A 147 3.70 8.03 4.89
C GLY A 147 2.83 8.77 5.87
N LYS A 148 1.89 9.58 5.41
CA LYS A 148 1.05 10.37 6.29
C LYS A 148 -0.40 9.87 6.24
N LYS A 149 -1.20 10.36 7.18
CA LYS A 149 -2.55 9.84 7.34
C LYS A 149 -3.44 10.21 6.15
N TYR A 150 -3.27 11.41 5.63
CA TYR A 150 -4.09 11.91 4.52
C TYR A 150 -3.26 11.99 3.21
N ALA A 151 -3.93 12.35 2.12
CA ALA A 151 -3.30 12.18 0.81
C ALA A 151 -2.15 13.15 0.57
N ALA A 152 -2.14 14.31 1.25
CA ALA A 152 -1.08 15.28 1.04
C ALA A 152 -0.63 15.90 2.35
N GLY A 153 -0.73 15.18 3.45
CA GLY A 153 -0.33 15.72 4.74
C GLY A 153 -0.88 14.88 5.87
N GLU A 154 -0.54 15.26 7.11
CA GLU A 154 -1.07 14.51 8.25
C GLU A 154 -2.52 14.85 8.56
N THR A 155 -3.04 15.94 7.99
CA THR A 155 -4.44 16.29 8.13
C THR A 155 -5.03 16.56 6.74
N VAL A 156 -6.35 16.72 6.71
CA VAL A 156 -7.05 16.82 5.43
C VAL A 156 -6.67 18.08 4.67
N THR A 157 -6.58 17.96 3.34
CA THR A 157 -6.37 19.09 2.45
C THR A 157 -7.37 19.04 1.32
N ILE A 158 -7.34 20.05 0.44
CA ILE A 158 -8.26 20.04 -0.68
C ILE A 158 -8.01 18.86 -1.61
N ALA A 159 -6.82 18.26 -1.61
CA ALA A 159 -6.60 17.06 -2.42
C ALA A 159 -7.51 15.91 -1.98
N ASP A 160 -7.70 15.75 -0.66
CA ASP A 160 -8.58 14.69 -0.17
C ASP A 160 -10.01 14.91 -0.61
N PHE A 161 -10.47 16.17 -0.67
CA PHE A 161 -11.84 16.42 -1.08
C PHE A 161 -12.11 15.84 -2.47
N GLN A 162 -11.14 15.96 -3.38
CA GLN A 162 -11.26 15.37 -4.71
C GLN A 162 -11.13 13.85 -4.68
N LEU A 163 -10.09 13.33 -4.01
CA LEU A 163 -9.82 11.90 -4.08
C LEU A 163 -10.96 11.10 -3.46
N VAL A 164 -11.66 11.70 -2.49
CA VAL A 164 -12.78 11.02 -1.83
C VAL A 164 -13.95 10.86 -2.78
N THR A 165 -14.25 11.89 -3.58
CA THR A 165 -15.39 11.77 -4.48
C THR A 165 -15.09 10.82 -5.64
N ALA A 166 -13.82 10.70 -6.04
CA ALA A 166 -13.43 9.69 -7.03
C ALA A 166 -13.59 8.28 -6.46
N THR A 167 -13.07 8.05 -5.24
CA THR A 167 -13.20 6.74 -4.61
C THR A 167 -14.68 6.38 -4.39
N MET A 168 -15.53 7.37 -4.13
CA MET A 168 -16.95 7.09 -3.92
C MET A 168 -17.59 6.49 -5.18
N CYS A 169 -17.07 6.81 -6.36
CA CYS A 169 -17.63 6.24 -7.58
C CYS A 169 -17.47 4.72 -7.59
N LEU A 170 -16.35 4.22 -7.05
CA LEU A 170 -16.13 2.78 -6.93
C LEU A 170 -17.10 2.17 -5.93
N GLU A 171 -17.25 2.80 -4.76
CA GLU A 171 -18.27 2.34 -3.81
C GLU A 171 -19.66 2.33 -4.44
N ALA A 172 -19.99 3.35 -5.25
CA ALA A 172 -21.34 3.41 -5.82
C ALA A 172 -21.67 2.21 -6.70
N ILE A 173 -20.66 1.55 -7.27
CA ILE A 173 -20.90 0.36 -8.09
C ILE A 173 -20.50 -0.92 -7.37
N ASN A 174 -20.31 -0.86 -6.06
CA ASN A 174 -19.99 -2.03 -5.24
C ASN A 174 -18.65 -2.66 -5.61
N PHE A 175 -17.69 -1.80 -5.98
CA PHE A 175 -16.33 -2.20 -6.29
C PHE A 175 -15.53 -2.39 -5.00
N ASP A 176 -14.92 -3.56 -4.82
CA ASP A 176 -14.20 -3.88 -3.59
C ASP A 176 -12.81 -3.27 -3.62
N ILE A 177 -12.52 -2.36 -2.69
CA ILE A 177 -11.23 -1.68 -2.65
C ILE A 177 -10.29 -2.29 -1.61
N SER A 178 -10.63 -3.43 -1.02
CA SER A 178 -9.77 -4.04 -0.01
C SER A 178 -8.45 -4.54 -0.59
N PRO A 179 -8.30 -4.78 -1.89
CA PRO A 179 -6.97 -5.08 -2.42
C PRO A 179 -5.98 -3.91 -2.29
N TRP A 180 -6.43 -2.72 -1.91
CA TRP A 180 -5.60 -1.52 -1.77
C TRP A 180 -5.75 -1.08 -0.33
N PRO A 181 -5.08 -1.77 0.61
CA PRO A 181 -5.37 -1.52 2.03
C PRO A 181 -5.09 -0.11 2.49
N LEU A 182 -4.07 0.58 1.95
CA LEU A 182 -3.84 1.95 2.40
C LEU A 182 -4.93 2.89 1.89
N VAL A 183 -5.46 2.64 0.69
CA VAL A 183 -6.57 3.45 0.17
C VAL A 183 -7.82 3.21 1.02
N GLU A 184 -8.11 1.94 1.32
CA GLU A 184 -9.27 1.61 2.14
C GLU A 184 -9.18 2.26 3.51
N ASN A 185 -8.01 2.14 4.17
CA ASN A 185 -7.82 2.75 5.48
C ASN A 185 -7.96 4.27 5.43
N TRP A 186 -7.42 4.90 4.39
CA TRP A 186 -7.54 6.35 4.25
C TRP A 186 -9.00 6.77 4.07
N TYR A 187 -9.72 6.06 3.20
CA TYR A 187 -11.12 6.37 2.92
C TYR A 187 -11.97 6.24 4.17
N ASP A 188 -11.80 5.14 4.91
CA ASP A 188 -12.56 4.96 6.15
C ASP A 188 -12.17 6.01 7.21
N THR A 189 -10.89 6.37 7.27
CA THR A 189 -10.45 7.40 8.22
C THR A 189 -11.07 8.75 7.88
N TYR A 190 -11.14 9.06 6.59
CA TYR A 190 -11.78 10.30 6.17
C TYR A 190 -13.20 10.39 6.69
N LYS A 191 -13.98 9.32 6.49
CA LYS A 191 -15.38 9.33 6.86
C LYS A 191 -15.54 9.45 8.38
N LEU A 192 -14.66 8.79 9.12
CA LEU A 192 -14.71 8.83 10.58
C LEU A 192 -14.40 10.22 11.12
N GLU A 193 -13.38 10.88 10.55
CA GLU A 193 -12.90 12.16 11.08
C GLU A 193 -13.62 13.37 10.49
N HIS A 194 -14.31 13.22 9.36
CA HIS A 194 -14.96 14.34 8.68
C HIS A 194 -16.36 13.95 8.27
N PRO A 195 -17.19 13.56 9.24
CA PRO A 195 -18.53 13.03 8.89
C PRO A 195 -19.40 14.04 8.17
N THR A 196 -19.29 15.33 8.48
CA THR A 196 -20.12 16.32 7.80
C THR A 196 -19.70 16.51 6.35
N LEU A 197 -18.43 16.26 6.05
CA LEU A 197 -17.97 16.30 4.66
C LEU A 197 -18.38 15.04 3.91
N TRP A 198 -18.17 13.86 4.51
CA TRP A 198 -18.60 12.62 3.86
C TRP A 198 -20.10 12.63 3.59
N LYS A 199 -20.89 13.20 4.51
CA LYS A 199 -22.34 13.27 4.36
C LYS A 199 -22.74 13.89 3.02
N ILE A 200 -22.08 14.96 2.62
CA ILE A 200 -22.34 15.57 1.31
C ILE A 200 -22.10 14.57 0.19
N VAL A 201 -20.94 13.90 0.23
CA VAL A 201 -20.58 12.95 -0.80
C VAL A 201 -21.53 11.76 -0.81
N GLU A 202 -21.95 11.31 0.37
CA GLU A 202 -22.86 10.15 0.45
C GLU A 202 -24.19 10.44 -0.25
N GLY A 203 -24.69 11.67 -0.12
CA GLY A 203 -25.93 12.01 -0.81
C GLY A 203 -25.84 11.85 -2.31
N GLY A 204 -24.68 12.20 -2.89
CA GLY A 204 -24.47 11.93 -4.30
C GLY A 204 -24.30 10.46 -4.60
N MET A 205 -23.57 9.75 -3.74
CA MET A 205 -23.40 8.31 -3.94
C MET A 205 -24.76 7.62 -4.05
N LYS A 206 -25.71 7.96 -3.18
CA LYS A 206 -27.00 7.30 -3.18
C LYS A 206 -27.74 7.52 -4.49
N GLU A 207 -27.65 8.73 -5.06
CA GLU A 207 -28.24 8.96 -6.38
C GLU A 207 -27.59 8.08 -7.44
N LEU A 208 -26.27 7.93 -7.38
CA LEU A 208 -25.56 7.15 -8.39
C LEU A 208 -25.87 5.66 -8.24
N GLU A 209 -26.04 5.19 -6.99
CA GLU A 209 -26.37 3.78 -6.78
C GLU A 209 -27.71 3.44 -7.39
N ALA A 210 -28.71 4.32 -7.22
CA ALA A 210 -30.00 4.10 -7.85
C ALA A 210 -29.87 3.96 -9.36
N PHE A 211 -29.02 4.73 -10.00
CA PHE A 211 -28.97 4.63 -11.45
C PHE A 211 -27.75 3.89 -11.97
N GLU A 212 -27.00 3.28 -11.07
CA GLU A 212 -26.26 2.09 -11.42
C GLU A 212 -27.24 0.91 -11.57
N PRO B 2 37.00 -10.83 14.44
CA PRO B 2 35.88 -10.35 13.61
C PRO B 2 34.78 -11.38 13.40
N ILE B 3 33.90 -11.11 12.43
CA ILE B 3 32.73 -11.93 12.17
C ILE B 3 32.85 -12.51 10.78
N THR B 4 32.51 -13.79 10.67
CA THR B 4 32.43 -14.50 9.39
C THR B 4 31.08 -15.21 9.33
N LEU B 5 30.42 -15.09 8.18
CA LEU B 5 29.18 -15.83 7.95
C LEU B 5 29.41 -16.86 6.85
N TYR B 6 29.13 -18.12 7.17
CA TYR B 6 29.11 -19.21 6.19
C TYR B 6 27.69 -19.34 5.67
N SER B 7 27.54 -19.24 4.35
CA SER B 7 26.25 -18.92 3.74
C SER B 7 26.03 -19.72 2.47
N VAL B 8 24.76 -19.84 2.09
CA VAL B 8 24.33 -20.36 0.80
C VAL B 8 23.77 -19.16 0.02
N SER B 9 24.37 -18.87 -1.15
CA SER B 9 24.06 -17.62 -1.85
C SER B 9 22.57 -17.50 -2.21
N ASP B 10 21.88 -18.60 -2.49
CA ASP B 10 20.45 -18.56 -2.79
C ASP B 10 19.59 -19.16 -1.68
N GLY B 11 20.09 -19.18 -0.45
CA GLY B 11 19.36 -19.75 0.65
C GLY B 11 18.60 -18.69 1.43
N PRO B 12 17.27 -18.82 1.52
CA PRO B 12 16.48 -17.79 2.21
C PRO B 12 16.92 -17.57 3.65
N PRO B 13 17.28 -18.63 4.39
CA PRO B 13 17.79 -18.39 5.76
C PRO B 13 19.09 -17.60 5.79
N SER B 14 20.04 -17.95 4.93
CA SER B 14 21.27 -17.16 4.83
C SER B 14 20.98 -15.71 4.46
N LEU B 15 20.05 -15.49 3.54
CA LEU B 15 19.75 -14.13 3.11
C LEU B 15 19.07 -13.33 4.23
N ALA B 16 18.35 -14.01 5.12
CA ALA B 16 17.79 -13.31 6.26
C ALA B 16 18.90 -12.82 7.18
N VAL B 17 19.88 -13.67 7.48
CA VAL B 17 21.00 -13.24 8.31
C VAL B 17 21.76 -12.09 7.65
N ARG B 18 22.01 -12.19 6.33
CA ARG B 18 22.76 -11.14 5.65
C ARG B 18 22.05 -9.79 5.72
N GLN B 19 20.71 -9.77 5.71
CA GLN B 19 20.02 -8.48 5.86
C GLN B 19 20.27 -7.86 7.22
N ALA B 20 20.30 -8.69 8.28
CA ALA B 20 20.57 -8.15 9.61
C ALA B 20 21.99 -7.61 9.70
N LEU B 21 22.96 -8.28 9.08
CA LEU B 21 24.34 -7.79 9.14
C LEU B 21 24.45 -6.44 8.42
N GLU B 22 23.77 -6.30 7.29
CA GLU B 22 23.76 -5.02 6.57
C GLU B 22 23.06 -3.95 7.39
N TYR B 23 21.88 -4.28 7.92
CA TYR B 23 21.14 -3.30 8.70
C TYR B 23 21.94 -2.78 9.89
N LEU B 24 22.63 -3.69 10.58
CA LEU B 24 23.39 -3.31 11.77
C LEU B 24 24.74 -2.68 11.44
N GLY B 25 25.16 -2.69 10.18
CA GLY B 25 26.42 -2.07 9.80
C GLY B 25 27.63 -2.83 10.25
N LEU B 26 27.56 -4.15 10.29
CA LEU B 26 28.61 -4.98 10.85
C LEU B 26 29.52 -5.47 9.73
N GLU B 27 30.76 -4.98 9.71
CA GLU B 27 31.82 -5.61 8.95
C GLU B 27 31.89 -7.08 9.30
N HIS B 28 31.96 -7.91 8.27
CA HIS B 28 31.96 -9.35 8.34
C HIS B 28 32.51 -9.84 7.04
N LYS B 29 33.13 -11.02 7.17
CA LYS B 29 33.20 -11.91 6.01
C LYS B 29 32.14 -12.98 5.71
N LEU B 30 31.93 -13.02 4.39
CA LEU B 30 30.94 -13.87 3.73
C LEU B 30 31.69 -14.97 2.99
N VAL B 31 31.42 -16.20 3.37
CA VAL B 31 31.98 -17.39 2.75
C VAL B 31 30.81 -18.17 2.17
N ASN B 32 30.69 -18.15 0.85
CA ASN B 32 29.64 -18.91 0.20
C ASN B 32 30.03 -20.37 0.09
N VAL B 33 29.16 -21.26 0.56
CA VAL B 33 29.32 -22.70 0.40
C VAL B 33 28.80 -23.07 -0.99
N ASP B 34 29.72 -23.28 -1.93
CA ASP B 34 29.32 -23.66 -3.28
C ASP B 34 28.62 -25.01 -3.28
N PHE B 35 27.61 -25.15 -4.14
CA PHE B 35 26.79 -26.35 -4.20
C PHE B 35 26.24 -26.71 -2.81
N GLY B 36 25.88 -25.68 -2.05
CA GLY B 36 25.25 -25.87 -0.77
C GLY B 36 23.73 -25.90 -0.92
N ILE B 37 23.10 -26.77 -0.13
CA ILE B 37 21.66 -26.96 -0.25
C ILE B 37 20.90 -25.82 0.42
N GLY B 38 21.07 -25.67 1.73
CA GLY B 38 20.38 -24.66 2.51
C GLY B 38 19.86 -25.26 3.81
N GLU B 39 19.61 -24.37 4.79
CA GLU B 39 19.24 -24.78 6.13
C GLU B 39 18.08 -25.77 6.14
N HIS B 40 18.29 -26.95 6.73
CA HIS B 40 17.32 -27.99 7.04
C HIS B 40 16.94 -28.79 5.79
N MET B 41 17.34 -28.36 4.59
CA MET B 41 16.88 -29.03 3.37
C MET B 41 17.41 -30.47 3.28
N THR B 42 18.70 -30.67 3.54
CA THR B 42 19.28 -31.99 3.32
C THR B 42 18.61 -33.06 4.18
N GLU B 43 18.45 -32.81 5.48
CA GLU B 43 17.81 -33.80 6.33
C GLU B 43 16.34 -33.96 5.95
N GLU B 44 15.70 -32.87 5.56
CA GLU B 44 14.27 -32.89 5.29
C GLU B 44 13.95 -33.67 4.02
N PHE B 45 14.63 -33.33 2.93
CA PHE B 45 14.24 -33.75 1.60
C PHE B 45 15.14 -34.79 0.98
N ALA B 46 16.37 -34.93 1.48
CA ALA B 46 17.24 -36.04 1.12
C ALA B 46 17.31 -37.10 2.21
N GLN B 47 16.89 -36.76 3.43
CA GLN B 47 16.98 -37.66 4.58
C GLN B 47 18.39 -38.21 4.70
N LYS B 48 19.34 -37.28 4.63
CA LYS B 48 20.75 -37.53 4.90
C LYS B 48 21.22 -36.56 5.96
N ASN B 49 22.22 -36.99 6.75
CA ASN B 49 22.78 -36.17 7.80
C ASN B 49 23.93 -35.37 7.20
N PRO B 50 23.83 -34.05 7.07
CA PRO B 50 24.94 -33.28 6.46
C PRO B 50 26.15 -33.15 7.36
N GLN B 51 26.04 -33.52 8.64
CA GLN B 51 27.13 -33.36 9.62
C GLN B 51 27.54 -31.90 9.80
N LYS B 52 26.70 -30.94 9.42
CA LYS B 52 27.11 -29.55 9.46
C LYS B 52 25.86 -28.67 9.39
N GLU B 53 25.96 -27.49 9.97
CA GLU B 53 24.89 -26.50 9.95
C GLU B 53 25.25 -25.42 8.97
N ILE B 54 24.30 -25.01 8.12
CA ILE B 54 24.43 -23.84 7.24
C ILE B 54 23.11 -23.08 7.30
N PRO B 55 23.09 -21.75 7.48
CA PRO B 55 24.23 -20.86 7.72
C PRO B 55 24.82 -21.06 9.12
N VAL B 56 26.04 -20.60 9.30
CA VAL B 56 26.70 -20.60 10.60
C VAL B 56 27.39 -19.26 10.75
N LEU B 57 27.19 -18.61 11.89
CA LEU B 57 27.89 -17.39 12.27
C LEU B 57 29.12 -17.72 13.11
N ASP B 58 30.23 -17.06 12.79
CA ASP B 58 31.47 -17.16 13.58
C ASP B 58 31.75 -15.76 14.12
N ASP B 59 31.37 -15.50 15.36
CA ASP B 59 31.60 -14.21 16.01
C ASP B 59 32.82 -14.38 16.91
N ASN B 60 33.99 -14.03 16.37
CA ASN B 60 35.25 -14.05 17.14
C ASN B 60 35.44 -15.38 17.87
N GLY B 61 35.13 -16.48 17.17
CA GLY B 61 35.30 -17.81 17.71
C GLY B 61 34.03 -18.46 18.20
N PHE B 62 32.98 -17.69 18.48
CA PHE B 62 31.71 -18.27 18.90
C PHE B 62 30.93 -18.69 17.65
N LEU B 63 30.71 -19.99 17.51
CA LEU B 63 30.02 -20.54 16.33
C LEU B 63 28.55 -20.83 16.66
N LEU B 64 27.65 -20.38 15.79
CA LEU B 64 26.22 -20.46 16.07
C LEU B 64 25.49 -20.76 14.77
N GLY B 65 24.74 -21.87 14.77
CA GLY B 65 23.81 -22.20 13.71
C GLY B 65 22.38 -21.80 14.06
N GLU B 66 21.47 -22.16 13.15
CA GLU B 66 20.03 -21.89 13.20
C GLU B 66 19.78 -20.40 12.97
N SER B 67 19.28 -20.08 11.78
CA SER B 67 19.11 -18.68 11.38
C SER B 67 18.30 -17.87 12.37
N ASN B 68 17.21 -18.43 12.91
CA ASN B 68 16.46 -17.65 13.90
C ASN B 68 17.35 -17.28 15.08
N ALA B 69 18.14 -18.25 15.59
CA ALA B 69 19.00 -18.00 16.74
C ALA B 69 20.11 -17.02 16.39
N ILE B 70 20.65 -17.10 15.18
CA ILE B 70 21.67 -16.16 14.75
C ILE B 70 21.11 -14.74 14.75
N LEU B 71 19.88 -14.57 14.26
CA LEU B 71 19.28 -13.24 14.23
C LEU B 71 19.02 -12.72 15.64
N GLN B 72 18.50 -13.59 16.51
CA GLN B 72 18.24 -13.21 17.89
C GLN B 72 19.51 -12.85 18.63
N TYR B 73 20.63 -13.50 18.29
CA TYR B 73 21.92 -13.15 18.88
C TYR B 73 22.45 -11.82 18.35
N LEU B 74 22.57 -11.70 17.01
CA LEU B 74 23.08 -10.46 16.43
C LEU B 74 22.31 -9.24 16.91
N ALA B 75 20.96 -9.32 16.92
CA ALA B 75 20.15 -8.12 17.21
C ALA B 75 20.11 -7.74 18.69
N GLU B 76 20.42 -8.67 19.55
CA GLU B 76 20.54 -8.62 21.03
C GLU B 76 21.95 -8.00 21.40
N ARG B 77 23.00 -8.35 20.69
CA ARG B 77 24.29 -7.85 21.07
C ARG B 77 24.59 -6.53 20.40
N TYR B 78 24.32 -6.39 19.10
CA TYR B 78 24.83 -5.27 18.31
C TYR B 78 23.74 -4.27 17.98
N GLY B 79 24.16 -3.05 17.67
CA GLY B 79 23.21 -1.99 17.35
C GLY B 79 23.21 -0.84 18.33
N LYS B 80 22.98 0.38 17.83
CA LYS B 80 22.88 1.58 18.64
C LYS B 80 21.57 1.59 19.43
N ASP B 81 20.54 0.85 18.96
CA ASP B 81 19.25 0.75 19.65
C ASP B 81 18.64 -0.64 19.43
N ASP B 82 17.48 -0.89 20.06
CA ASP B 82 16.85 -2.21 20.04
C ASP B 82 15.69 -2.34 19.05
N THR B 83 15.59 -1.47 18.04
CA THR B 83 14.36 -1.43 17.25
C THR B 83 14.08 -2.74 16.51
N ILE B 84 15.10 -3.42 16.00
CA ILE B 84 14.81 -4.65 15.25
C ILE B 84 14.62 -5.87 16.12
N TYR B 85 14.86 -5.77 17.42
CA TYR B 85 14.57 -6.86 18.35
C TYR B 85 14.35 -6.27 19.74
N PRO B 86 13.17 -5.73 19.99
CA PRO B 86 12.94 -4.95 21.22
C PRO B 86 13.21 -5.76 22.47
N LYS B 87 13.72 -5.08 23.51
CA LYS B 87 13.99 -5.78 24.76
C LYS B 87 12.75 -5.94 25.64
N ASP B 88 11.77 -5.08 25.45
CA ASP B 88 10.54 -5.19 26.23
C ASP B 88 9.95 -6.60 26.07
N PRO B 89 9.61 -7.30 27.16
CA PRO B 89 9.17 -8.70 27.01
C PRO B 89 7.98 -8.88 26.08
N MET B 90 6.96 -8.01 26.13
CA MET B 90 5.80 -8.20 25.28
C MET B 90 6.11 -7.89 23.82
N ALA B 91 6.80 -6.77 23.56
CA ALA B 91 7.16 -6.46 22.18
C ALA B 91 8.09 -7.53 21.63
N ARG B 92 9.02 -8.01 22.47
CA ARG B 92 9.91 -9.09 22.06
C ARG B 92 9.12 -10.34 21.71
N ALA B 93 8.06 -10.63 22.48
CA ALA B 93 7.32 -11.85 22.26
C ALA B 93 6.65 -11.85 20.90
N VAL B 94 6.17 -10.69 20.45
CA VAL B 94 5.56 -10.66 19.13
C VAL B 94 6.60 -10.99 18.05
N VAL B 95 7.83 -10.50 18.22
CA VAL B 95 8.88 -10.84 17.25
C VAL B 95 9.19 -12.33 17.31
N ASN B 96 9.34 -12.87 18.53
CA ASN B 96 9.64 -14.30 18.68
C ASN B 96 8.51 -15.16 18.12
N HIS B 97 7.26 -14.74 18.32
CA HIS B 97 6.13 -15.47 17.77
C HIS B 97 6.21 -15.54 16.24
N ARG B 98 6.46 -14.39 15.58
CA ARG B 98 6.55 -14.38 14.13
C ARG B 98 7.74 -15.18 13.64
N LEU B 99 8.84 -15.21 14.39
CA LEU B 99 9.95 -16.06 14.00
C LEU B 99 9.57 -17.52 14.08
N CYS B 100 8.81 -17.91 15.11
CA CYS B 100 8.32 -19.29 15.18
C CYS B 100 7.34 -19.61 14.07
N PHE B 101 6.43 -18.67 13.78
CA PHE B 101 5.49 -18.84 12.68
C PHE B 101 6.23 -19.10 11.37
N ASN B 102 7.27 -18.31 11.10
CA ASN B 102 8.03 -18.52 9.89
C ASN B 102 8.61 -19.92 9.85
N LEU B 103 9.30 -20.34 10.92
CA LEU B 103 10.03 -21.61 10.88
C LEU B 103 9.07 -22.80 10.83
N SER B 104 7.97 -22.76 11.59
CA SER B 104 7.07 -23.89 11.72
C SER B 104 6.05 -23.99 10.59
N THR B 105 5.71 -22.86 9.96
CA THR B 105 4.53 -22.83 9.11
C THR B 105 4.75 -22.09 7.80
N TYR B 106 5.10 -20.80 7.85
CA TYR B 106 5.13 -20.00 6.63
C TYR B 106 6.27 -20.41 5.72
N TYR B 107 7.51 -20.38 6.21
CA TYR B 107 8.62 -20.84 5.37
C TYR B 107 8.61 -22.35 5.22
N ARG B 108 8.12 -23.07 6.24
CA ARG B 108 8.08 -24.52 6.10
C ARG B 108 7.25 -24.94 4.89
N TYR B 109 6.00 -24.47 4.81
CA TYR B 109 5.15 -24.89 3.71
C TYR B 109 5.58 -24.25 2.40
N ILE B 110 6.01 -22.99 2.43
CA ILE B 110 6.45 -22.36 1.19
C ILE B 110 7.70 -23.04 0.63
N SER B 111 8.67 -23.35 1.49
CA SER B 111 9.90 -23.94 0.99
C SER B 111 9.64 -25.33 0.41
N GLU B 112 8.72 -26.08 1.01
CA GLU B 112 8.39 -27.42 0.49
C GLU B 112 7.75 -27.32 -0.89
N TYR B 113 6.85 -26.36 -1.09
CA TYR B 113 6.16 -26.23 -2.37
C TYR B 113 7.06 -25.64 -3.45
N THR B 114 7.90 -24.67 -3.09
CA THR B 114 8.66 -23.93 -4.07
C THR B 114 10.06 -24.48 -4.32
N LEU B 115 10.85 -24.71 -3.25
CA LEU B 115 12.27 -25.02 -3.43
C LEU B 115 12.57 -26.51 -3.48
N ALA B 116 11.88 -27.32 -2.69
CA ALA B 116 12.14 -28.76 -2.68
C ALA B 116 12.03 -29.37 -4.07
N PRO B 117 11.00 -29.09 -4.85
CA PRO B 117 10.98 -29.63 -6.22
C PRO B 117 12.13 -29.14 -7.08
N MET B 118 12.73 -28.00 -6.75
CA MET B 118 13.85 -27.52 -7.55
C MET B 118 15.08 -28.40 -7.38
N PHE B 119 15.36 -28.82 -6.15
CA PHE B 119 16.63 -29.43 -5.81
C PHE B 119 16.53 -30.91 -5.46
N PHE B 120 15.33 -31.45 -5.37
CA PHE B 120 15.13 -32.85 -4.99
C PHE B 120 14.05 -33.46 -5.87
N ASP B 121 13.94 -34.79 -5.81
CA ASP B 121 12.85 -35.52 -6.45
C ASP B 121 11.60 -35.40 -5.58
N TYR B 122 11.05 -34.18 -5.56
CA TYR B 122 9.92 -33.80 -4.73
C TYR B 122 8.92 -33.11 -5.65
N GLN B 123 7.63 -33.38 -5.45
CA GLN B 123 6.61 -32.94 -6.38
C GLN B 123 5.72 -31.88 -5.74
N ARG B 124 5.46 -30.82 -6.50
CA ARG B 124 4.34 -29.94 -6.19
C ARG B 124 3.03 -30.69 -6.33
N THR B 125 2.17 -30.58 -5.34
CA THR B 125 0.89 -31.27 -5.30
C THR B 125 -0.21 -30.32 -4.86
N PRO B 126 -1.47 -30.66 -5.12
CA PRO B 126 -2.58 -29.85 -4.58
C PRO B 126 -2.55 -29.72 -3.06
N LEU B 127 -2.11 -30.77 -2.36
CA LEU B 127 -2.03 -30.68 -0.89
C LEU B 127 -0.98 -29.67 -0.48
N GLY B 128 0.17 -29.68 -1.15
CA GLY B 128 1.20 -28.69 -0.86
C GLY B 128 0.78 -27.28 -1.20
N LEU B 129 -0.02 -27.10 -2.26
CA LEU B 129 -0.53 -25.77 -2.60
C LEU B 129 -1.52 -25.30 -1.56
N LYS B 130 -2.37 -26.20 -1.06
CA LYS B 130 -3.32 -25.85 -0.02
C LYS B 130 -2.60 -25.37 1.24
N LYS B 131 -1.56 -26.10 1.67
CA LYS B 131 -0.79 -25.65 2.83
C LYS B 131 -0.15 -24.28 2.60
N THR B 132 0.33 -24.02 1.38
CA THR B 132 0.88 -22.71 1.07
C THR B 132 -0.19 -21.63 1.23
N HIS B 133 -1.40 -21.91 0.72
CA HIS B 133 -2.50 -20.97 0.88
C HIS B 133 -2.85 -20.75 2.34
N ILE B 134 -2.86 -21.81 3.14
CA ILE B 134 -3.18 -21.68 4.57
C ILE B 134 -2.12 -20.83 5.27
N ALA B 135 -0.84 -21.02 4.92
CA ALA B 135 0.21 -20.17 5.49
C ALA B 135 0.01 -18.71 5.12
N LEU B 136 -0.37 -18.45 3.88
CA LEU B 136 -0.64 -17.09 3.44
C LEU B 136 -1.86 -16.51 4.15
N ASP B 137 -2.94 -17.30 4.25
CA ASP B 137 -4.08 -16.87 5.05
C ASP B 137 -3.63 -16.47 6.45
N ASN B 138 -2.82 -17.32 7.09
CA ASN B 138 -2.40 -17.02 8.46
C ASN B 138 -1.65 -15.71 8.54
N PHE B 139 -0.68 -15.51 7.63
CA PHE B 139 0.13 -14.29 7.65
C PHE B 139 -0.75 -13.07 7.41
N ASN B 140 -1.60 -13.13 6.40
CA ASN B 140 -2.53 -12.04 6.14
C ASN B 140 -3.37 -11.71 7.36
N THR B 141 -3.81 -12.74 8.08
CA THR B 141 -4.64 -12.52 9.26
C THR B 141 -3.83 -11.93 10.41
N TYR B 142 -2.61 -12.41 10.62
CA TYR B 142 -1.77 -11.80 11.64
C TYR B 142 -1.55 -10.31 11.37
N LEU B 143 -1.25 -9.96 10.11
CA LEU B 143 -1.07 -8.55 9.76
C LEU B 143 -2.35 -7.76 10.03
N LYS B 144 -3.52 -8.36 9.79
CA LYS B 144 -4.76 -7.60 9.97
C LYS B 144 -4.94 -7.33 11.45
N LEU B 145 -4.75 -8.39 12.25
CA LEU B 145 -5.05 -8.32 13.69
C LEU B 145 -4.09 -7.40 14.43
N LEU B 146 -2.79 -7.48 14.12
CA LEU B 146 -1.84 -6.57 14.77
C LEU B 146 -2.03 -5.15 14.28
N GLY B 147 -2.43 -4.99 13.02
CA GLY B 147 -2.75 -3.68 12.48
C GLY B 147 -1.58 -2.77 12.27
N LYS B 148 -0.35 -3.29 12.19
CA LYS B 148 0.80 -2.44 12.01
C LYS B 148 1.41 -2.64 10.63
N LYS B 149 2.35 -1.76 10.31
CA LYS B 149 2.99 -1.75 8.99
C LYS B 149 3.81 -3.00 8.72
N TYR B 150 4.52 -3.50 9.73
CA TYR B 150 5.44 -4.63 9.57
C TYR B 150 4.92 -5.81 10.39
N ALA B 151 5.66 -6.93 10.30
CA ALA B 151 5.11 -8.20 10.79
C ALA B 151 4.98 -8.24 12.30
N ALA B 152 5.83 -7.51 13.05
CA ALA B 152 5.79 -7.56 14.50
C ALA B 152 5.81 -6.17 15.12
N GLY B 153 5.47 -5.13 14.36
CA GLY B 153 5.52 -3.77 14.87
C GLY B 153 5.39 -2.77 13.75
N GLU B 154 5.46 -1.48 14.12
CA GLU B 154 5.33 -0.42 13.13
C GLU B 154 6.62 -0.23 12.34
N THR B 155 7.75 -0.79 12.79
CA THR B 155 8.97 -0.74 12.00
C THR B 155 9.55 -2.16 11.86
N VAL B 156 10.56 -2.28 11.00
CA VAL B 156 11.10 -3.58 10.63
C VAL B 156 11.78 -4.23 11.83
N THR B 157 11.68 -5.56 11.91
CA THR B 157 12.35 -6.35 12.94
C THR B 157 12.97 -7.56 12.28
N ILE B 158 13.71 -8.35 13.06
CA ILE B 158 14.31 -9.54 12.48
C ILE B 158 13.27 -10.53 11.96
N ALA B 159 12.03 -10.49 12.48
CA ALA B 159 10.99 -11.33 11.90
C ALA B 159 10.76 -11.02 10.43
N ASP B 160 10.73 -9.73 10.05
CA ASP B 160 10.54 -9.38 8.65
C ASP B 160 11.67 -9.91 7.77
N PHE B 161 12.91 -9.91 8.29
CA PHE B 161 14.02 -10.40 7.49
C PHE B 161 13.77 -11.83 7.03
N GLN B 162 13.19 -12.65 7.91
CA GLN B 162 12.87 -14.03 7.60
C GLN B 162 11.64 -14.14 6.71
N LEU B 163 10.56 -13.46 7.08
CA LEU B 163 9.33 -13.56 6.28
C LEU B 163 9.55 -13.06 4.86
N VAL B 164 10.43 -12.08 4.67
CA VAL B 164 10.68 -11.54 3.35
C VAL B 164 11.34 -12.58 2.46
N THR B 165 12.32 -13.32 2.99
CA THR B 165 13.00 -14.31 2.14
C THR B 165 12.10 -15.51 1.87
N ALA B 166 11.16 -15.82 2.77
CA ALA B 166 10.16 -16.83 2.46
C ALA B 166 9.22 -16.37 1.36
N THR B 167 8.72 -15.13 1.46
CA THR B 167 7.86 -14.61 0.41
C THR B 167 8.59 -14.55 -0.93
N MET B 168 9.89 -14.28 -0.90
CA MET B 168 10.70 -14.24 -2.11
C MET B 168 10.63 -15.56 -2.87
N CYS B 169 10.49 -16.69 -2.16
CA CYS B 169 10.44 -17.96 -2.86
C CYS B 169 9.19 -18.08 -3.74
N LEU B 170 8.06 -17.53 -3.27
CA LEU B 170 6.87 -17.48 -4.11
C LEU B 170 7.09 -16.59 -5.33
N GLU B 171 7.67 -15.41 -5.14
CA GLU B 171 7.98 -14.55 -6.27
C GLU B 171 8.91 -15.28 -7.26
N ALA B 172 9.84 -16.09 -6.74
CA ALA B 172 10.81 -16.75 -7.61
C ALA B 172 10.14 -17.68 -8.61
N ILE B 173 8.98 -18.24 -8.28
CA ILE B 173 8.27 -19.15 -9.17
C ILE B 173 7.04 -18.49 -9.80
N ASN B 174 6.97 -17.15 -9.75
CA ASN B 174 5.87 -16.40 -10.36
C ASN B 174 4.52 -16.73 -9.72
N PHE B 175 4.52 -17.01 -8.43
CA PHE B 175 3.29 -17.24 -7.67
C PHE B 175 2.60 -15.91 -7.42
N ASP B 176 1.30 -15.85 -7.71
CA ASP B 176 0.52 -14.64 -7.56
C ASP B 176 0.06 -14.49 -6.11
N ILE B 177 0.52 -13.44 -5.43
CA ILE B 177 0.16 -13.25 -4.02
C ILE B 177 -0.91 -12.19 -3.85
N SER B 178 -1.51 -11.71 -4.95
CA SER B 178 -2.56 -10.70 -4.86
C SER B 178 -3.75 -11.14 -4.02
N PRO B 179 -4.13 -12.42 -3.96
CA PRO B 179 -5.27 -12.81 -3.11
C PRO B 179 -5.08 -12.55 -1.62
N TRP B 180 -3.87 -12.16 -1.18
CA TRP B 180 -3.54 -11.85 0.22
C TRP B 180 -3.10 -10.40 0.25
N PRO B 181 -4.05 -9.46 0.21
CA PRO B 181 -3.68 -8.04 -0.02
C PRO B 181 -2.75 -7.45 1.04
N LEU B 182 -2.90 -7.84 2.31
CA LEU B 182 -2.02 -7.28 3.34
C LEU B 182 -0.60 -7.84 3.18
N VAL B 183 -0.47 -9.10 2.77
CA VAL B 183 0.85 -9.66 2.52
C VAL B 183 1.50 -8.96 1.34
N GLU B 184 0.75 -8.79 0.24
CA GLU B 184 1.33 -8.17 -0.95
C GLU B 184 1.77 -6.74 -0.64
N ASN B 185 0.95 -6.02 0.12
CA ASN B 185 1.24 -4.63 0.46
C ASN B 185 2.45 -4.53 1.38
N TRP B 186 2.52 -5.39 2.41
CA TRP B 186 3.67 -5.43 3.30
C TRP B 186 4.97 -5.70 2.54
N TYR B 187 4.94 -6.69 1.63
CA TYR B 187 6.10 -7.07 0.83
C TYR B 187 6.62 -5.89 0.02
N ASP B 188 5.69 -5.17 -0.63
CA ASP B 188 6.06 -4.00 -1.40
C ASP B 188 6.59 -2.89 -0.50
N THR B 189 5.96 -2.67 0.66
CA THR B 189 6.44 -1.64 1.56
C THR B 189 7.86 -1.91 2.03
N TYR B 190 8.17 -3.18 2.33
CA TYR B 190 9.51 -3.55 2.74
C TYR B 190 10.53 -3.17 1.66
N LYS B 191 10.22 -3.50 0.40
CA LYS B 191 11.14 -3.21 -0.70
C LYS B 191 11.31 -1.71 -0.87
N LEU B 192 10.24 -0.95 -0.68
CA LEU B 192 10.35 0.51 -0.86
C LEU B 192 11.17 1.16 0.25
N GLU B 193 10.96 0.75 1.49
CA GLU B 193 11.57 1.41 2.64
C GLU B 193 12.94 0.84 2.97
N HIS B 194 13.27 -0.34 2.48
CA HIS B 194 14.55 -1.00 2.77
C HIS B 194 15.16 -1.55 1.50
N PRO B 195 15.38 -0.69 0.50
CA PRO B 195 15.87 -1.18 -0.80
C PRO B 195 17.23 -1.86 -0.71
N THR B 196 18.12 -1.41 0.19
CA THR B 196 19.43 -2.04 0.28
C THR B 196 19.32 -3.48 0.77
N LEU B 197 18.40 -3.74 1.70
CA LEU B 197 18.20 -5.10 2.19
C LEU B 197 17.51 -5.96 1.13
N TRP B 198 16.47 -5.42 0.46
CA TRP B 198 15.82 -6.19 -0.59
C TRP B 198 16.81 -6.55 -1.69
N LYS B 199 17.74 -5.64 -2.00
CA LYS B 199 18.69 -5.93 -3.07
C LYS B 199 19.50 -7.18 -2.75
N ILE B 200 19.79 -7.42 -1.46
CA ILE B 200 20.49 -8.66 -1.09
C ILE B 200 19.63 -9.87 -1.43
N VAL B 201 18.36 -9.82 -1.05
CA VAL B 201 17.45 -10.94 -1.29
C VAL B 201 17.24 -11.15 -2.78
N GLU B 202 17.11 -10.04 -3.53
CA GLU B 202 16.88 -10.13 -4.97
C GLU B 202 17.98 -10.90 -5.68
N GLY B 203 19.23 -10.71 -5.27
CA GLY B 203 20.31 -11.46 -5.88
C GLY B 203 20.13 -12.96 -5.73
N GLY B 204 19.66 -13.39 -4.55
CA GLY B 204 19.34 -14.80 -4.38
C GLY B 204 18.16 -15.24 -5.22
N MET B 205 17.12 -14.38 -5.31
CA MET B 205 15.95 -14.73 -6.10
C MET B 205 16.30 -15.00 -7.55
N LYS B 206 17.22 -14.23 -8.13
CA LYS B 206 17.59 -14.43 -9.52
C LYS B 206 18.25 -15.78 -9.73
N GLU B 207 19.05 -16.25 -8.75
CA GLU B 207 19.62 -17.58 -8.87
C GLU B 207 18.52 -18.64 -8.82
N LEU B 208 17.55 -18.47 -7.93
CA LEU B 208 16.46 -19.44 -7.84
C LEU B 208 15.61 -19.42 -9.12
N GLU B 209 15.34 -18.24 -9.66
CA GLU B 209 14.57 -18.16 -10.90
C GLU B 209 15.23 -18.97 -12.00
N ALA B 210 16.56 -18.87 -12.11
CA ALA B 210 17.28 -19.69 -13.09
C ALA B 210 17.06 -21.18 -12.84
N PHE B 211 17.07 -21.61 -11.58
CA PHE B 211 16.85 -23.02 -11.27
C PHE B 211 15.44 -23.47 -11.64
N GLU B 212 14.46 -22.58 -11.51
CA GLU B 212 13.05 -22.90 -11.80
C GLU B 212 12.81 -23.31 -13.24
N1 GSH C . -12.38 19.00 -15.38
CA1 GSH C . -13.67 19.43 -14.86
C1 GSH C . -13.65 19.73 -13.36
O11 GSH C . -14.44 20.60 -12.90
O12 GSH C . -12.87 19.12 -12.57
CB1 GSH C . -14.67 18.29 -15.04
CG1 GSH C . -16.08 18.75 -14.66
CD1 GSH C . -17.07 17.75 -15.24
OE1 GSH C . -16.70 16.77 -15.80
N2 GSH C . -18.48 18.02 -15.11
CA2 GSH C . -19.48 17.14 -15.68
C2 GSH C . -20.21 17.90 -16.78
O2 GSH C . -21.26 18.39 -16.52
CB2 GSH C . -20.51 16.76 -14.61
SG2 GSH C . -19.78 15.60 -13.40
N3 GSH C . -19.70 18.06 -18.14
CA3 GSH C . -18.40 17.51 -18.53
C3 GSH C . -18.47 16.06 -19.01
O31 GSH C . -18.98 15.75 -20.12
O32 GSH C . -17.99 15.16 -18.27
HN11 GSH C . -11.67 19.50 -14.90
HN12 GSH C . -12.27 18.01 -15.23
HA1 GSH C . -13.92 20.33 -15.38
HB12 GSH C . -14.39 17.45 -14.42
HB13 GSH C . -14.67 17.99 -16.09
HG12 GSH C . -16.27 19.74 -15.06
HG13 GSH C . -16.17 18.78 -13.58
HN2 GSH C . -18.78 18.85 -14.63
HA2 GSH C . -18.99 16.24 -16.05
HB22 GSH C . -21.35 16.28 -15.10
HB23 GSH C . -20.84 17.65 -14.10
HSG GSH C . -19.79 16.17 -12.19
HN3 GSH C . -20.24 18.56 -18.82
HA31 GSH C . -18.01 18.11 -19.35
HA32 GSH C . -17.73 17.56 -17.68
#